data_2PVO
#
_entry.id   2PVO
#
_cell.length_a   130.426
_cell.length_b   130.426
_cell.length_c   63.837
_cell.angle_alpha   90.000
_cell.angle_beta   90.000
_cell.angle_gamma   120.000
#
_symmetry.space_group_name_H-M   'P 32 2 1'
#
loop_
_entity.id
_entity.type
_entity.pdbx_description
1 polymer 'Ferredoxin-thioredoxin reductase, catalytic chain'
2 polymer 'Ferredoxin-thioredoxin reductase, variable chain'
3 polymer 'Thioredoxin F-type, chloroplast'
4 polymer Ferredoxin-1
5 non-polymer 'SULFATE ION'
6 non-polymer 'IRON/SULFUR CLUSTER'
7 non-polymer 'FE2/S2 (INORGANIC) CLUSTER'
#
loop_
_entity_poly.entity_id
_entity_poly.type
_entity_poly.pdbx_seq_one_letter_code
_entity_poly.pdbx_strand_id
1 'polypeptide(L)'
;NKTLAAMKNFAEQYAKRTDTYFCSDLSVTAVVIEGLARHKEELGSPLCPCRHYEDKEAEVKNTFWNCPCVPMRERKECHC
MLFLTPDNDFAGDAQDIPMETLEEVKASMA
;
A
2 'polypeptide(L)' MNVGDRVRVTSSVVVYHHPEHKKTAFDLQGMEGEVAAVLTEWQGRPISANLPVLVKFEQRFKAHFRPDEVTLIE B
3 'polypeptide(L)'
;EAIVGKVTEVNKDTFWPIVKAAGDKPVVLDMFTQWCGPSKAMAPKYEKLAEEYLDVIFLKLDCNQENKTLAKELGIRVVP
TFKILKENSVVGEVTGAKYDKLLEAIQAARS
;
C
4 'polypeptide(L)'
;ASYTVKLITPDGESSIECSDDTYILDAAEEAGLELPYSCRAGACSTCAGKITAGSVDQSDQSFLDDDQIEAGYVLTCVAY
PTSDCTIETHKEEDLY
;
D
#
loop_
_chem_comp.id
_chem_comp.type
_chem_comp.name
_chem_comp.formula
FES non-polymer 'FE2/S2 (INORGANIC) CLUSTER' 'Fe2 S2'
SF4 non-polymer 'IRON/SULFUR CLUSTER' 'Fe4 S4'
SO4 non-polymer 'SULFATE ION' 'O4 S -2'
#
# COMPACT_ATOMS: atom_id res chain seq x y z
N ASN A 1 -8.16 -1.00 20.61
CA ASN A 1 -8.90 -1.40 19.37
C ASN A 1 -8.32 -2.72 18.80
N LYS A 2 -9.20 -3.69 18.56
CA LYS A 2 -8.79 -5.01 18.04
C LYS A 2 -8.26 -5.02 16.61
N THR A 3 -8.72 -4.06 15.80
CA THR A 3 -8.29 -3.98 14.41
C THR A 3 -6.82 -3.60 14.31
N LEU A 4 -6.41 -2.66 15.15
CA LEU A 4 -5.03 -2.19 15.19
C LEU A 4 -4.06 -3.31 15.52
N ALA A 5 -4.57 -4.32 16.23
CA ALA A 5 -3.78 -5.49 16.63
C ALA A 5 -3.42 -6.34 15.42
N ALA A 6 -4.45 -6.88 14.78
CA ALA A 6 -4.30 -7.72 13.60
C ALA A 6 -3.34 -7.07 12.61
N MET A 7 -3.50 -5.77 12.40
CA MET A 7 -2.67 -5.06 11.45
C MET A 7 -1.22 -5.15 11.89
N LYS A 8 -1.00 -5.08 13.20
CA LYS A 8 0.34 -5.18 13.77
C LYS A 8 0.90 -6.60 13.59
N ASN A 9 0.06 -7.59 13.88
CA ASN A 9 0.44 -8.99 13.78
C ASN A 9 0.63 -9.43 12.34
N PHE A 10 -0.02 -8.76 11.41
CA PHE A 10 0.15 -9.10 10.02
C PHE A 10 1.54 -8.63 9.68
N ALA A 11 1.80 -7.39 10.10
CA ALA A 11 3.07 -6.74 9.84
C ALA A 11 4.22 -7.64 10.24
N GLU A 12 4.26 -8.00 11.53
CA GLU A 12 5.33 -8.85 12.07
C GLU A 12 5.50 -10.14 11.27
N GLN A 13 4.41 -10.88 11.11
CA GLN A 13 4.50 -12.14 10.38
C GLN A 13 4.87 -11.97 8.91
N TYR A 14 4.41 -10.91 8.26
CA TYR A 14 4.75 -10.71 6.85
C TYR A 14 6.23 -10.37 6.66
N ALA A 15 6.79 -9.61 7.61
CA ALA A 15 8.20 -9.24 7.56
C ALA A 15 9.07 -10.48 7.71
N LYS A 16 8.75 -11.30 8.70
CA LYS A 16 9.51 -12.53 8.96
C LYS A 16 9.43 -13.47 7.77
N ARG A 17 8.22 -13.70 7.27
CA ARG A 17 8.03 -14.60 6.14
C ARG A 17 8.68 -14.17 4.83
N THR A 18 9.09 -12.91 4.76
CA THR A 18 9.73 -12.37 3.55
C THR A 18 11.11 -11.79 3.85
N ASP A 19 11.57 -11.99 5.07
CA ASP A 19 12.87 -11.50 5.49
C ASP A 19 13.02 -10.00 5.40
N THR A 20 11.91 -9.27 5.32
CA THR A 20 11.98 -7.83 5.27
C THR A 20 12.09 -7.43 6.72
N TYR A 21 12.66 -6.27 6.98
CA TYR A 21 12.84 -5.79 8.34
C TYR A 21 12.20 -4.45 8.58
N PHE A 22 11.80 -4.22 9.83
CA PHE A 22 11.17 -2.97 10.18
C PHE A 22 12.21 -1.85 10.27
N CYS A 23 11.78 -0.63 9.97
CA CYS A 23 12.65 0.53 10.02
C CYS A 23 13.24 0.71 11.42
N SER A 24 14.47 1.23 11.49
CA SER A 24 15.15 1.43 12.78
C SER A 24 14.33 2.31 13.75
N ASP A 25 13.57 3.24 13.18
CA ASP A 25 12.73 4.15 13.97
C ASP A 25 11.33 3.57 14.01
N LEU A 26 11.09 2.61 14.90
CA LEU A 26 9.79 1.96 14.99
C LEU A 26 8.59 2.89 15.05
N SER A 27 8.82 4.19 15.27
CA SER A 27 7.73 5.15 15.31
C SER A 27 7.20 5.25 13.88
N VAL A 28 8.11 5.19 12.92
CA VAL A 28 7.73 5.24 11.51
C VAL A 28 6.92 4.00 11.24
N THR A 29 7.31 2.91 11.88
CA THR A 29 6.60 1.66 11.68
C THR A 29 5.23 1.69 12.35
N ALA A 30 5.10 2.41 13.46
CA ALA A 30 3.83 2.46 14.17
C ALA A 30 2.80 3.29 13.42
N VAL A 31 3.26 4.32 12.72
CA VAL A 31 2.33 5.17 11.98
C VAL A 31 1.89 4.52 10.68
N VAL A 32 2.73 3.67 10.12
CA VAL A 32 2.35 3.00 8.89
C VAL A 32 1.34 1.92 9.23
N ILE A 33 1.40 1.43 10.47
CA ILE A 33 0.47 0.39 10.90
C ILE A 33 -0.81 1.05 11.33
N GLU A 34 -0.68 2.19 12.02
CA GLU A 34 -1.83 2.93 12.49
C GLU A 34 -2.71 3.33 11.31
N GLY A 35 -2.12 4.08 10.36
CA GLY A 35 -2.84 4.53 9.18
C GLY A 35 -3.26 3.37 8.29
N LEU A 36 -2.48 2.29 8.33
CA LEU A 36 -2.75 1.10 7.55
C LEU A 36 -4.02 0.49 8.10
N ALA A 37 -4.11 0.51 9.42
CA ALA A 37 -5.26 -0.04 10.11
C ALA A 37 -6.40 0.95 10.11
N ARG A 38 -6.08 2.23 10.20
CA ARG A 38 -7.13 3.25 10.21
C ARG A 38 -7.85 3.30 8.88
N HIS A 39 -7.36 2.54 7.90
CA HIS A 39 -7.99 2.49 6.59
C HIS A 39 -8.94 1.31 6.52
N LYS A 40 -8.50 0.17 7.06
CA LYS A 40 -9.34 -1.01 7.09
C LYS A 40 -10.63 -0.65 7.85
N GLU A 41 -10.49 0.10 8.94
CA GLU A 41 -11.62 0.51 9.76
C GLU A 41 -12.56 1.46 9.03
N GLU A 42 -12.13 2.01 7.90
CA GLU A 42 -12.96 2.95 7.14
C GLU A 42 -13.36 2.47 5.75
N LEU A 43 -12.43 1.84 5.05
CA LEU A 43 -12.71 1.35 3.71
C LEU A 43 -12.90 -0.16 3.67
N GLY A 44 -12.44 -0.84 4.71
CA GLY A 44 -12.60 -2.29 4.73
C GLY A 44 -11.36 -3.03 4.27
N SER A 45 -10.36 -2.28 3.81
CA SER A 45 -9.11 -2.85 3.36
C SER A 45 -7.94 -2.01 3.81
N PRO A 46 -6.80 -2.64 4.13
CA PRO A 46 -5.64 -1.84 4.56
C PRO A 46 -4.99 -1.20 3.32
N LEU A 47 -5.67 -0.20 2.76
CA LEU A 47 -5.19 0.50 1.58
C LEU A 47 -4.00 1.36 1.98
N CYS A 48 -2.90 1.20 1.27
CA CYS A 48 -1.67 1.95 1.59
C CYS A 48 -1.89 3.38 2.07
N PRO A 49 -1.49 3.69 3.32
CA PRO A 49 -1.64 5.03 3.89
C PRO A 49 -0.62 6.06 3.44
N CYS A 50 0.26 5.68 2.53
CA CYS A 50 1.30 6.61 2.08
C CYS A 50 1.21 7.18 0.65
N ARG A 51 0.08 6.99 -0.01
CA ARG A 51 -0.11 7.50 -1.37
C ARG A 51 -1.39 8.29 -1.41
N HIS A 52 -1.59 9.10 -2.45
CA HIS A 52 -2.82 9.89 -2.59
C HIS A 52 -3.66 9.29 -3.71
N TYR A 53 -4.96 9.11 -3.47
CA TYR A 53 -5.79 8.54 -4.50
C TYR A 53 -6.88 9.49 -4.92
N GLU A 54 -7.58 9.15 -5.99
CA GLU A 54 -8.68 9.97 -6.45
C GLU A 54 -9.96 9.37 -5.88
N ASP A 55 -9.97 8.05 -5.71
CA ASP A 55 -11.13 7.36 -5.17
C ASP A 55 -10.77 6.14 -4.34
N LYS A 56 -10.53 6.34 -3.06
CA LYS A 56 -10.16 5.25 -2.18
C LYS A 56 -11.05 4.02 -2.33
N GLU A 57 -12.37 4.23 -2.27
CA GLU A 57 -13.32 3.12 -2.41
C GLU A 57 -12.98 2.26 -3.61
N ALA A 58 -12.64 2.91 -4.72
CA ALA A 58 -12.27 2.23 -5.95
C ALA A 58 -10.91 1.56 -5.84
N GLU A 59 -9.91 2.30 -5.37
CA GLU A 59 -8.56 1.76 -5.22
C GLU A 59 -8.65 0.44 -4.49
N VAL A 60 -9.50 0.42 -3.47
CA VAL A 60 -9.72 -0.75 -2.63
C VAL A 60 -10.35 -1.96 -3.34
N LYS A 61 -11.28 -1.72 -4.25
CA LYS A 61 -11.92 -2.81 -4.96
C LYS A 61 -10.94 -3.36 -5.99
N ASN A 62 -10.12 -2.47 -6.56
CA ASN A 62 -9.14 -2.91 -7.54
C ASN A 62 -8.13 -3.77 -6.80
N THR A 63 -7.72 -3.29 -5.61
CA THR A 63 -6.78 -3.98 -4.70
C THR A 63 -5.29 -3.80 -4.93
N PHE A 64 -4.91 -3.00 -5.93
CA PHE A 64 -3.49 -2.79 -6.24
C PHE A 64 -2.73 -2.22 -5.06
N TRP A 65 -3.33 -1.27 -4.36
CA TRP A 65 -2.67 -0.66 -3.24
C TRP A 65 -3.13 -1.18 -1.89
N ASN A 66 -3.67 -2.40 -1.85
CA ASN A 66 -4.11 -3.01 -0.59
C ASN A 66 -2.90 -3.70 -0.01
N CYS A 67 -2.53 -3.35 1.22
CA CYS A 67 -1.36 -3.90 1.88
C CYS A 67 -1.50 -5.39 2.21
N PRO A 68 -0.53 -6.22 1.76
CA PRO A 68 0.68 -5.91 0.99
C PRO A 68 0.33 -5.65 -0.47
N CYS A 69 0.75 -4.48 -0.94
CA CYS A 69 0.49 -4.06 -2.30
C CYS A 69 1.34 -4.77 -3.35
N VAL A 70 0.82 -4.84 -4.56
CA VAL A 70 1.49 -5.48 -5.66
C VAL A 70 3.00 -5.35 -5.64
N PRO A 71 3.53 -4.11 -5.65
CA PRO A 71 4.97 -3.86 -5.63
C PRO A 71 5.74 -4.58 -4.52
N MET A 72 5.31 -4.38 -3.28
CA MET A 72 5.93 -5.02 -2.12
C MET A 72 5.86 -6.53 -2.31
N ARG A 73 4.75 -6.98 -2.88
CA ARG A 73 4.52 -8.40 -3.13
C ARG A 73 5.34 -8.97 -4.26
N GLU A 74 5.51 -8.21 -5.34
CA GLU A 74 6.29 -8.70 -6.47
C GLU A 74 7.74 -8.28 -6.38
N ARG A 75 7.99 -7.04 -5.97
CA ARG A 75 9.35 -6.54 -5.91
C ARG A 75 9.89 -6.08 -4.57
N LYS A 76 9.21 -6.46 -3.48
CA LYS A 76 9.65 -6.05 -2.13
C LYS A 76 9.82 -4.54 -2.00
N GLU A 77 9.04 -3.77 -2.76
CA GLU A 77 9.12 -2.32 -2.70
C GLU A 77 8.00 -1.75 -1.82
N CYS A 78 8.30 -1.49 -0.55
CA CYS A 78 7.31 -0.97 0.38
C CYS A 78 7.53 0.52 0.60
N HIS A 79 6.85 1.35 -0.17
CA HIS A 79 7.03 2.79 -0.04
C HIS A 79 6.80 3.42 1.34
N CYS A 80 6.00 2.78 2.20
CA CYS A 80 5.71 3.31 3.54
C CYS A 80 6.86 3.08 4.53
N MET A 81 7.81 2.24 4.12
CA MET A 81 8.95 1.90 4.96
C MET A 81 8.51 0.96 6.08
N LEU A 82 7.50 0.16 5.81
CA LEU A 82 7.03 -0.81 6.79
C LEU A 82 7.89 -2.04 6.64
N PHE A 83 8.17 -2.41 5.38
CA PHE A 83 9.00 -3.57 5.06
C PHE A 83 10.20 -3.16 4.20
N LEU A 84 11.37 -3.21 4.81
CA LEU A 84 12.61 -2.83 4.13
C LEU A 84 13.48 -4.06 3.94
N THR A 85 14.14 -4.14 2.78
CA THR A 85 15.03 -5.25 2.50
C THR A 85 16.24 -5.05 3.37
N PRO A 86 17.03 -6.12 3.60
CA PRO A 86 18.23 -6.03 4.43
C PRO A 86 19.16 -4.88 4.01
N ASP A 87 19.61 -4.94 2.76
CA ASP A 87 20.50 -3.94 2.20
C ASP A 87 19.79 -2.60 1.99
N ASN A 88 19.32 -2.02 3.08
CA ASN A 88 18.62 -0.74 3.04
C ASN A 88 19.04 0.12 4.22
N ASP A 89 19.56 1.31 3.91
CA ASP A 89 20.05 2.25 4.91
C ASP A 89 19.09 2.62 6.05
N PHE A 90 17.83 2.20 5.96
CA PHE A 90 16.85 2.52 7.00
C PHE A 90 16.47 1.32 7.84
N ALA A 91 16.80 0.14 7.34
CA ALA A 91 16.47 -1.11 8.04
C ALA A 91 16.83 -1.15 9.53
N GLY A 92 16.42 -2.25 10.16
CA GLY A 92 16.69 -2.48 11.57
C GLY A 92 16.77 -3.99 11.61
N ASP A 93 17.10 -4.57 12.76
CA ASP A 93 17.16 -6.02 12.84
C ASP A 93 15.97 -6.52 13.63
N ALA A 94 14.82 -5.91 13.33
CA ALA A 94 13.56 -6.23 13.99
C ALA A 94 12.50 -6.69 13.01
N GLN A 95 11.66 -7.61 13.46
CA GLN A 95 10.57 -8.15 12.66
C GLN A 95 9.34 -8.21 13.57
N ASP A 96 9.43 -7.48 14.67
CA ASP A 96 8.37 -7.38 15.66
C ASP A 96 8.41 -5.97 16.24
N ILE A 97 7.27 -5.51 16.75
CA ILE A 97 7.19 -4.18 17.35
C ILE A 97 6.25 -4.19 18.55
N PRO A 98 6.80 -3.97 19.76
CA PRO A 98 5.99 -3.95 20.98
C PRO A 98 4.66 -3.24 20.80
N MET A 99 3.58 -3.87 21.26
CA MET A 99 2.25 -3.30 21.16
C MET A 99 2.14 -2.00 21.97
N GLU A 100 2.98 -1.89 22.99
CA GLU A 100 3.01 -0.73 23.86
C GLU A 100 3.52 0.46 23.05
N THR A 101 4.37 0.17 22.07
CA THR A 101 4.97 1.18 21.21
C THR A 101 3.95 1.94 20.35
N LEU A 102 3.14 1.20 19.59
CA LEU A 102 2.13 1.82 18.75
C LEU A 102 1.22 2.73 19.54
N GLU A 103 0.70 2.23 20.66
CA GLU A 103 -0.20 3.00 21.49
C GLU A 103 0.41 4.33 21.89
N GLU A 104 1.68 4.32 22.31
CA GLU A 104 2.34 5.54 22.73
C GLU A 104 2.69 6.44 21.55
N VAL A 105 2.73 5.87 20.35
CA VAL A 105 3.04 6.63 19.15
C VAL A 105 1.74 7.18 18.59
N LYS A 106 0.62 6.67 19.10
CA LYS A 106 -0.70 7.11 18.67
C LYS A 106 -1.05 8.42 19.38
N ALA A 107 -0.46 8.61 20.56
CA ALA A 107 -0.70 9.82 21.34
C ALA A 107 0.35 10.89 21.03
N SER A 108 1.62 10.53 21.15
CA SER A 108 2.71 11.47 20.88
C SER A 108 2.48 12.12 19.52
N MET A 109 1.74 11.42 18.67
CA MET A 109 1.43 11.92 17.33
C MET A 109 0.31 12.95 17.49
N ALA A 110 0.70 14.22 17.59
CA ALA A 110 -0.23 15.34 17.75
C ALA A 110 0.52 16.67 17.71
N MET B 1 -0.12 -0.01 -25.69
CA MET B 1 -0.39 -1.46 -25.40
C MET B 1 -1.84 -1.77 -25.06
N ASN B 2 -2.17 -3.06 -25.09
CA ASN B 2 -3.51 -3.52 -24.78
C ASN B 2 -3.55 -5.03 -24.61
N VAL B 3 -4.62 -5.50 -23.99
CA VAL B 3 -4.78 -6.92 -23.76
C VAL B 3 -4.65 -7.66 -25.08
N GLY B 4 -3.96 -8.79 -25.05
CA GLY B 4 -3.77 -9.58 -26.25
C GLY B 4 -2.39 -9.45 -26.87
N ASP B 5 -1.74 -8.31 -26.61
CA ASP B 5 -0.41 -8.08 -27.15
C ASP B 5 0.61 -8.99 -26.49
N ARG B 6 1.69 -9.26 -27.20
CA ARG B 6 2.75 -10.09 -26.67
C ARG B 6 3.87 -9.10 -26.37
N VAL B 7 4.56 -9.28 -25.26
CA VAL B 7 5.64 -8.37 -24.92
C VAL B 7 6.83 -9.07 -24.29
N ARG B 8 7.96 -8.36 -24.28
CA ARG B 8 9.23 -8.85 -23.74
C ARG B 8 9.76 -7.87 -22.70
N VAL B 9 10.23 -8.38 -21.57
CA VAL B 9 10.77 -7.52 -20.51
C VAL B 9 12.09 -6.87 -20.94
N THR B 10 12.01 -5.63 -21.46
CA THR B 10 13.23 -4.95 -21.92
C THR B 10 13.95 -4.10 -20.89
N SER B 11 13.54 -4.18 -19.63
CA SER B 11 14.18 -3.40 -18.59
C SER B 11 14.37 -4.26 -17.35
N SER B 12 15.41 -3.99 -16.57
CA SER B 12 15.66 -4.76 -15.35
C SER B 12 14.43 -4.79 -14.46
N VAL B 13 13.88 -5.97 -14.24
CA VAL B 13 12.68 -6.14 -13.42
C VAL B 13 12.93 -7.30 -12.46
N VAL B 14 13.22 -7.01 -11.20
CA VAL B 14 13.48 -8.07 -10.24
C VAL B 14 12.31 -8.37 -9.30
N VAL B 15 11.59 -9.45 -9.60
CA VAL B 15 10.46 -9.88 -8.80
C VAL B 15 10.92 -10.92 -7.78
N TYR B 16 9.98 -11.47 -7.02
CA TYR B 16 10.31 -12.48 -6.02
C TYR B 16 9.22 -13.56 -5.95
N HIS B 17 8.19 -13.40 -6.77
CA HIS B 17 7.08 -14.34 -6.78
C HIS B 17 7.15 -15.32 -7.93
N HIS B 18 8.35 -15.58 -8.44
CA HIS B 18 8.50 -16.52 -9.55
C HIS B 18 8.58 -17.94 -9.01
N PRO B 19 7.67 -18.83 -9.46
CA PRO B 19 7.68 -20.22 -8.99
C PRO B 19 9.04 -20.89 -9.13
N GLU B 20 9.76 -20.50 -10.18
CA GLU B 20 11.09 -21.04 -10.49
C GLU B 20 12.07 -20.82 -9.35
N HIS B 21 12.14 -19.59 -8.87
CA HIS B 21 13.04 -19.23 -7.79
C HIS B 21 12.24 -18.56 -6.67
N LYS B 22 11.11 -19.16 -6.32
CA LYS B 22 10.24 -18.63 -5.28
C LYS B 22 10.96 -17.99 -4.09
N LYS B 23 10.36 -16.93 -3.56
CA LYS B 23 10.86 -16.21 -2.39
C LYS B 23 12.27 -15.63 -2.54
N THR B 24 12.85 -15.71 -3.73
CA THR B 24 14.19 -15.17 -3.94
C THR B 24 14.32 -14.33 -5.20
N ALA B 25 15.07 -13.23 -5.08
CA ALA B 25 15.28 -12.32 -6.19
C ALA B 25 15.50 -13.03 -7.52
N PHE B 26 15.00 -12.44 -8.60
CA PHE B 26 15.13 -12.99 -9.94
C PHE B 26 14.79 -11.93 -10.98
N ASP B 27 15.70 -11.68 -11.92
CA ASP B 27 15.46 -10.68 -12.95
C ASP B 27 14.60 -11.26 -14.07
N LEU B 28 13.45 -10.62 -14.32
CA LEU B 28 12.51 -11.07 -15.36
C LEU B 28 12.94 -10.68 -16.76
N GLN B 29 13.89 -9.75 -16.86
CA GLN B 29 14.36 -9.29 -18.17
C GLN B 29 14.67 -10.39 -19.16
N GLY B 30 14.06 -10.27 -20.34
CA GLY B 30 14.25 -11.22 -21.41
C GLY B 30 13.05 -12.10 -21.68
N MET B 31 12.18 -12.24 -20.68
CA MET B 31 10.99 -13.09 -20.81
C MET B 31 9.88 -12.49 -21.66
N GLU B 32 9.17 -13.35 -22.38
CA GLU B 32 8.09 -12.90 -23.23
C GLU B 32 6.74 -13.44 -22.80
N GLY B 33 5.90 -12.56 -22.27
CA GLY B 33 4.57 -12.96 -21.85
C GLY B 33 3.54 -12.36 -22.77
N GLU B 34 2.43 -11.90 -22.18
CA GLU B 34 1.35 -11.30 -22.93
C GLU B 34 0.54 -10.45 -21.99
N VAL B 35 0.30 -9.21 -22.40
CA VAL B 35 -0.49 -8.30 -21.60
C VAL B 35 -1.87 -8.86 -21.39
N ALA B 36 -2.23 -9.02 -20.11
CA ALA B 36 -3.52 -9.57 -19.70
C ALA B 36 -4.49 -8.51 -19.18
N ALA B 37 -3.97 -7.35 -18.81
CA ALA B 37 -4.81 -6.26 -18.30
C ALA B 37 -4.04 -4.96 -18.17
N VAL B 38 -4.75 -3.85 -18.29
CA VAL B 38 -4.16 -2.51 -18.17
C VAL B 38 -5.01 -1.68 -17.20
N LEU B 39 -4.52 -1.56 -15.97
CA LEU B 39 -5.21 -0.85 -14.89
C LEU B 39 -5.14 0.67 -14.85
N THR B 40 -6.20 1.33 -15.29
CA THR B 40 -6.25 2.79 -15.27
C THR B 40 -7.53 3.27 -14.58
N GLU B 41 -8.57 2.44 -14.63
CA GLU B 41 -9.83 2.79 -14.02
C GLU B 41 -10.47 1.63 -13.27
N TRP B 42 -11.58 1.92 -12.60
CA TRP B 42 -12.35 0.95 -11.86
C TRP B 42 -13.74 1.49 -11.54
N GLN B 43 -14.69 1.18 -12.40
CA GLN B 43 -16.07 1.63 -12.28
C GLN B 43 -16.15 3.10 -12.69
N GLY B 44 -15.29 3.49 -13.62
CA GLY B 44 -15.31 4.87 -14.08
C GLY B 44 -14.43 5.78 -13.28
N ARG B 45 -14.14 5.44 -12.03
CA ARG B 45 -13.29 6.26 -11.17
C ARG B 45 -11.84 5.77 -11.33
N PRO B 46 -10.89 6.69 -11.50
CA PRO B 46 -9.46 6.40 -11.68
C PRO B 46 -8.75 5.69 -10.55
N ILE B 47 -7.87 4.78 -10.93
CA ILE B 47 -7.06 4.05 -9.98
C ILE B 47 -5.67 4.61 -10.19
N SER B 48 -4.68 4.16 -9.43
CA SER B 48 -3.36 4.71 -9.62
C SER B 48 -2.25 3.72 -9.46
N ALA B 49 -2.46 2.54 -10.05
CA ALA B 49 -1.47 1.47 -10.00
C ALA B 49 -0.19 1.92 -10.71
N ASN B 50 0.91 1.96 -9.99
CA ASN B 50 2.17 2.40 -10.57
C ASN B 50 2.77 1.39 -11.53
N LEU B 51 2.11 0.25 -11.69
CA LEU B 51 2.57 -0.81 -12.60
C LEU B 51 1.32 -1.38 -13.27
N PRO B 52 0.59 -0.52 -14.00
CA PRO B 52 -0.65 -0.81 -14.71
C PRO B 52 -0.67 -1.85 -15.84
N VAL B 53 0.48 -2.27 -16.33
CA VAL B 53 0.49 -3.26 -17.38
C VAL B 53 0.67 -4.63 -16.72
N LEU B 54 -0.35 -5.47 -16.82
CA LEU B 54 -0.27 -6.81 -16.24
C LEU B 54 0.05 -7.79 -17.35
N VAL B 55 1.17 -8.49 -17.21
CA VAL B 55 1.59 -9.47 -18.21
C VAL B 55 1.55 -10.88 -17.66
N LYS B 56 0.98 -11.80 -18.43
CA LYS B 56 0.88 -13.22 -18.06
C LYS B 56 1.93 -14.00 -18.84
N PHE B 57 2.85 -14.66 -18.13
CA PHE B 57 3.92 -15.43 -18.79
C PHE B 57 3.72 -16.93 -18.89
N GLU B 58 4.85 -17.62 -19.07
CA GLU B 58 4.85 -19.08 -19.16
C GLU B 58 4.99 -19.65 -17.75
N GLN B 59 4.15 -20.64 -17.44
CA GLN B 59 4.12 -21.30 -16.13
C GLN B 59 3.21 -20.60 -15.14
N ARG B 60 1.98 -20.31 -15.57
CA ARG B 60 0.99 -19.63 -14.75
C ARG B 60 1.67 -18.73 -13.71
N PHE B 61 2.39 -17.75 -14.27
CA PHE B 61 3.13 -16.73 -13.54
C PHE B 61 2.82 -15.45 -14.29
N LYS B 62 2.54 -14.39 -13.55
CA LYS B 62 2.23 -13.11 -14.16
C LYS B 62 2.84 -12.01 -13.28
N ALA B 63 3.17 -10.87 -13.88
CA ALA B 63 3.74 -9.79 -13.10
C ALA B 63 3.32 -8.45 -13.66
N HIS B 64 3.51 -7.41 -12.84
CA HIS B 64 3.14 -6.05 -13.20
C HIS B 64 4.34 -5.18 -13.62
N PHE B 65 4.17 -4.42 -14.71
CA PHE B 65 5.23 -3.53 -15.18
C PHE B 65 4.66 -2.16 -15.57
N ARG B 66 5.58 -1.22 -15.78
CA ARG B 66 5.23 0.14 -16.21
C ARG B 66 5.28 0.01 -17.74
N PRO B 67 4.71 0.99 -18.47
CA PRO B 67 4.76 0.85 -19.94
C PRO B 67 6.18 0.76 -20.51
N ASP B 68 7.13 1.48 -19.92
CA ASP B 68 8.49 1.47 -20.45
C ASP B 68 9.32 0.22 -20.16
N GLU B 69 8.90 -0.57 -19.19
CA GLU B 69 9.64 -1.78 -18.87
C GLU B 69 9.30 -2.89 -19.87
N VAL B 70 8.45 -2.59 -20.84
CA VAL B 70 8.06 -3.58 -21.83
C VAL B 70 7.93 -3.01 -23.26
N THR B 71 8.28 -3.84 -24.23
CA THR B 71 8.22 -3.44 -25.63
C THR B 71 7.42 -4.46 -26.42
N LEU B 72 6.43 -3.98 -27.17
CA LEU B 72 5.58 -4.83 -27.98
C LEU B 72 6.39 -5.58 -29.03
N ILE B 73 5.93 -6.76 -29.41
CA ILE B 73 6.61 -7.57 -30.41
C ILE B 73 5.76 -7.87 -31.63
N GLU B 74 6.29 -7.50 -32.81
CA GLU B 74 5.69 -7.67 -34.15
C GLU B 74 5.69 -6.37 -34.96
N GLU C 1 0.90 35.93 5.07
CA GLU C 1 0.18 35.89 6.37
C GLU C 1 0.73 34.78 7.27
N ALA C 2 1.53 33.89 6.69
CA ALA C 2 2.14 32.79 7.43
C ALA C 2 3.34 33.25 8.28
N ILE C 3 3.59 32.55 9.39
CA ILE C 3 4.70 32.89 10.27
C ILE C 3 6.04 32.40 9.74
N VAL C 4 6.95 33.34 9.51
CA VAL C 4 8.27 33.01 8.99
C VAL C 4 9.06 32.25 10.04
N GLY C 5 10.07 31.50 9.60
CA GLY C 5 10.90 30.74 10.53
C GLY C 5 10.19 29.59 11.21
N LYS C 6 8.97 29.32 10.77
CA LYS C 6 8.18 28.25 11.33
C LYS C 6 7.41 27.64 10.17
N VAL C 7 6.90 26.42 10.36
CA VAL C 7 6.11 25.76 9.31
C VAL C 7 4.64 26.08 9.50
N THR C 8 4.08 26.70 8.49
CA THR C 8 2.68 27.10 8.54
C THR C 8 1.77 26.17 7.77
N GLU C 9 0.71 25.70 8.43
CA GLU C 9 -0.24 24.81 7.81
C GLU C 9 -1.32 25.57 7.05
N VAL C 10 -1.53 25.22 5.79
CA VAL C 10 -2.54 25.93 5.02
C VAL C 10 -3.63 24.99 4.54
N ASN C 11 -4.54 25.56 3.75
CA ASN C 11 -5.67 24.81 3.20
C ASN C 11 -5.96 25.37 1.82
N LYS C 12 -6.98 24.82 1.18
CA LYS C 12 -7.35 25.24 -0.16
C LYS C 12 -7.66 26.72 -0.24
N ASP C 13 -8.12 27.29 0.87
CA ASP C 13 -8.48 28.71 0.95
C ASP C 13 -7.39 29.66 1.44
N THR C 14 -6.22 29.15 1.83
CA THR C 14 -5.17 30.02 2.32
C THR C 14 -3.80 29.89 1.65
N PHE C 15 -3.60 28.83 0.87
CA PHE C 15 -2.33 28.61 0.19
C PHE C 15 -1.96 29.72 -0.79
N TRP C 16 -2.73 29.89 -1.85
CA TRP C 16 -2.42 30.90 -2.87
C TRP C 16 -2.29 32.36 -2.41
N PRO C 17 -2.99 32.73 -1.32
CA PRO C 17 -2.90 34.12 -0.84
C PRO C 17 -1.54 34.30 -0.17
N ILE C 18 -1.16 33.29 0.60
CA ILE C 18 0.12 33.30 1.30
C ILE C 18 1.27 33.28 0.31
N VAL C 19 1.14 32.48 -0.74
CA VAL C 19 2.18 32.39 -1.75
C VAL C 19 2.30 33.74 -2.45
N LYS C 20 1.16 34.27 -2.90
CA LYS C 20 1.16 35.55 -3.61
C LYS C 20 1.64 36.68 -2.70
N ALA C 21 1.96 36.34 -1.46
CA ALA C 21 2.41 37.36 -0.53
C ALA C 21 3.80 37.10 0.03
N ALA C 22 4.57 36.25 -0.64
CA ALA C 22 5.92 35.94 -0.19
C ALA C 22 6.91 36.85 -0.90
N GLY C 23 6.47 37.40 -2.03
CA GLY C 23 7.35 38.28 -2.78
C GLY C 23 8.60 37.59 -3.32
N ASP C 24 9.75 37.84 -2.69
CA ASP C 24 11.01 37.25 -3.13
C ASP C 24 11.41 35.97 -2.39
N LYS C 25 10.95 35.82 -1.16
CA LYS C 25 11.26 34.62 -0.40
C LYS C 25 10.61 33.43 -1.12
N PRO C 26 11.39 32.37 -1.37
CA PRO C 26 10.86 31.19 -2.06
C PRO C 26 9.96 30.40 -1.10
N VAL C 27 8.94 29.76 -1.63
CA VAL C 27 8.03 29.00 -0.78
C VAL C 27 8.22 27.50 -0.97
N VAL C 28 8.11 26.77 0.13
CA VAL C 28 8.24 25.32 0.10
C VAL C 28 6.96 24.72 0.67
N LEU C 29 6.38 23.77 -0.04
CA LEU C 29 5.14 23.12 0.39
C LEU C 29 5.31 21.64 0.69
N ASP C 30 4.91 21.26 1.90
CA ASP C 30 4.96 19.87 2.33
C ASP C 30 3.54 19.31 2.18
N MET C 31 3.34 18.41 1.23
CA MET C 31 2.02 17.83 1.03
C MET C 31 2.08 16.47 1.68
N PHE C 32 1.40 16.34 2.81
CA PHE C 32 1.44 15.10 3.57
C PHE C 32 0.10 14.51 3.95
N THR C 33 0.19 13.49 4.79
CA THR C 33 -0.95 12.78 5.34
C THR C 33 -0.56 12.44 6.79
N GLN C 34 -1.54 12.45 7.68
CA GLN C 34 -1.28 12.19 9.08
C GLN C 34 -0.69 10.82 9.44
N TRP C 35 -0.98 9.78 8.66
CA TRP C 35 -0.43 8.49 9.04
C TRP C 35 0.50 7.81 8.04
N CYS C 36 1.41 8.58 7.46
CA CYS C 36 2.35 8.00 6.52
C CYS C 36 3.76 8.11 7.02
N GLY C 37 4.31 6.97 7.44
CA GLY C 37 5.65 6.90 7.98
C GLY C 37 6.68 7.86 7.43
N PRO C 38 7.16 7.67 6.20
CA PRO C 38 8.16 8.60 5.65
C PRO C 38 7.83 10.05 5.95
N SER C 39 6.59 10.46 5.69
CA SER C 39 6.20 11.83 5.99
C SER C 39 6.59 12.14 7.42
N LYS C 40 6.14 11.31 8.35
CA LYS C 40 6.43 11.51 9.77
C LYS C 40 7.93 11.59 10.03
N ALA C 41 8.72 10.84 9.27
CA ALA C 41 10.16 10.87 9.44
C ALA C 41 10.72 12.25 9.04
N MET C 42 10.14 12.84 8.00
CA MET C 42 10.56 14.15 7.52
C MET C 42 10.09 15.28 8.43
N ALA C 43 8.94 15.08 9.07
CA ALA C 43 8.38 16.10 9.93
C ALA C 43 9.40 16.90 10.72
N PRO C 44 10.15 16.25 11.64
CA PRO C 44 11.17 16.90 12.46
C PRO C 44 12.18 17.67 11.65
N LYS C 45 12.78 16.99 10.68
CA LYS C 45 13.77 17.63 9.84
C LYS C 45 13.13 18.74 9.01
N TYR C 46 11.84 18.64 8.74
CA TYR C 46 11.21 19.69 7.95
C TYR C 46 11.04 20.94 8.79
N GLU C 47 10.73 20.77 10.07
CA GLU C 47 10.57 21.92 10.94
C GLU C 47 11.91 22.70 11.03
N LYS C 48 12.96 22.02 11.46
CA LYS C 48 14.27 22.64 11.57
C LYS C 48 14.70 23.42 10.34
N LEU C 49 14.31 22.99 9.14
CA LEU C 49 14.69 23.76 7.96
C LEU C 49 14.03 25.12 8.07
N ALA C 50 12.76 25.11 8.46
CA ALA C 50 12.00 26.34 8.61
C ALA C 50 12.71 27.25 9.61
N GLU C 51 13.09 26.69 10.76
CA GLU C 51 13.77 27.44 11.80
C GLU C 51 15.14 27.91 11.36
N GLU C 52 15.76 27.19 10.45
CA GLU C 52 17.09 27.55 9.99
C GLU C 52 17.14 28.53 8.81
N TYR C 53 16.21 28.39 7.86
CA TYR C 53 16.19 29.30 6.71
C TYR C 53 15.03 30.31 6.81
N LEU C 54 15.29 31.39 7.52
CA LEU C 54 14.32 32.44 7.76
C LEU C 54 14.01 33.24 6.50
N ASP C 55 14.73 32.95 5.43
CA ASP C 55 14.49 33.65 4.18
C ASP C 55 13.79 32.75 3.18
N VAL C 56 12.88 31.92 3.67
CA VAL C 56 12.09 30.99 2.85
C VAL C 56 10.84 30.60 3.63
N ILE C 57 9.66 30.85 3.08
CA ILE C 57 8.43 30.49 3.78
C ILE C 57 8.17 28.98 3.72
N PHE C 58 8.05 28.34 4.88
CA PHE C 58 7.77 26.92 4.89
C PHE C 58 6.30 26.65 5.26
N LEU C 59 5.61 25.89 4.39
CA LEU C 59 4.20 25.58 4.60
C LEU C 59 3.96 24.07 4.58
N LYS C 60 2.76 23.68 4.98
CA LYS C 60 2.39 22.27 4.99
C LYS C 60 0.90 22.14 4.64
N LEU C 61 0.57 21.08 3.91
CA LEU C 61 -0.79 20.84 3.50
C LEU C 61 -1.22 19.44 3.86
N ASP C 62 -2.24 19.33 4.70
CA ASP C 62 -2.76 18.03 5.09
C ASP C 62 -3.51 17.65 3.82
N CYS C 63 -3.15 16.52 3.19
CA CYS C 63 -3.80 16.11 1.96
C CYS C 63 -5.01 15.21 2.16
N ASN C 64 -5.94 15.67 2.99
CA ASN C 64 -7.16 14.93 3.29
C ASN C 64 -8.27 15.19 2.28
N GLN C 65 -9.52 14.91 2.68
CA GLN C 65 -10.68 15.08 1.80
C GLN C 65 -11.26 16.46 1.87
N GLU C 66 -10.78 17.26 2.81
CA GLU C 66 -11.26 18.62 2.94
C GLU C 66 -10.50 19.46 1.94
N ASN C 67 -9.26 19.08 1.70
CA ASN C 67 -8.42 19.81 0.76
C ASN C 67 -8.22 19.05 -0.54
N LYS C 68 -9.11 18.12 -0.83
CA LYS C 68 -9.01 17.32 -2.04
C LYS C 68 -8.84 18.13 -3.34
N THR C 69 -9.55 19.24 -3.46
CA THR C 69 -9.47 20.05 -4.68
C THR C 69 -8.15 20.79 -4.88
N LEU C 70 -7.52 21.27 -3.80
CA LEU C 70 -6.24 21.94 -3.94
C LEU C 70 -5.18 20.90 -4.25
N ALA C 71 -5.26 19.78 -3.51
CA ALA C 71 -4.33 18.68 -3.70
C ALA C 71 -4.33 18.24 -5.15
N LYS C 72 -5.51 18.25 -5.77
CA LYS C 72 -5.62 17.85 -7.17
C LYS C 72 -5.09 18.94 -8.07
N GLU C 73 -5.32 20.19 -7.69
CA GLU C 73 -4.86 21.35 -8.47
C GLU C 73 -3.36 21.31 -8.53
N LEU C 74 -2.73 21.07 -7.38
CA LEU C 74 -1.28 21.01 -7.32
C LEU C 74 -0.74 19.73 -7.93
N GLY C 75 -1.28 18.59 -7.51
CA GLY C 75 -0.83 17.32 -8.07
C GLY C 75 0.03 16.48 -7.16
N ILE C 76 -0.48 15.33 -6.73
CA ILE C 76 0.29 14.49 -5.84
C ILE C 76 -0.16 13.03 -5.90
N ARG C 77 0.80 12.12 -5.73
CA ARG C 77 0.51 10.69 -5.70
C ARG C 77 1.35 10.05 -4.62
N VAL C 78 2.61 10.46 -4.52
CA VAL C 78 3.52 9.89 -3.52
C VAL C 78 3.45 10.78 -2.29
N VAL C 79 3.65 10.21 -1.10
CA VAL C 79 3.62 11.04 0.09
C VAL C 79 4.88 10.75 0.89
N PRO C 80 5.61 11.80 1.31
CA PRO C 80 5.30 13.20 1.06
C PRO C 80 5.78 13.68 -0.30
N THR C 81 5.39 14.91 -0.65
CA THR C 81 5.78 15.53 -1.90
C THR C 81 5.91 17.02 -1.66
N PHE C 82 7.06 17.58 -2.02
CA PHE C 82 7.28 19.00 -1.83
C PHE C 82 7.27 19.83 -3.11
N LYS C 83 6.39 20.82 -3.16
CA LYS C 83 6.37 21.70 -4.31
C LYS C 83 7.18 22.91 -3.87
N ILE C 84 7.94 23.49 -4.80
CA ILE C 84 8.76 24.67 -4.51
C ILE C 84 8.30 25.80 -5.44
N LEU C 85 7.85 26.89 -4.85
CA LEU C 85 7.38 28.03 -5.63
C LEU C 85 8.28 29.22 -5.41
N LYS C 86 8.34 30.07 -6.43
CA LYS C 86 9.11 31.30 -6.40
C LYS C 86 8.44 32.23 -7.39
N GLU C 87 7.75 33.25 -6.86
CA GLU C 87 7.02 34.24 -7.64
C GLU C 87 5.69 33.73 -8.19
N ASN C 88 4.76 33.41 -7.30
CA ASN C 88 3.44 32.96 -7.70
C ASN C 88 3.35 31.66 -8.49
N SER C 89 4.42 30.88 -8.55
CA SER C 89 4.32 29.65 -9.31
C SER C 89 5.32 28.56 -8.97
N VAL C 90 4.88 27.32 -9.13
CA VAL C 90 5.70 26.12 -8.87
C VAL C 90 6.87 26.09 -9.82
N VAL C 91 8.06 25.90 -9.29
CA VAL C 91 9.26 25.88 -10.12
C VAL C 91 10.04 24.56 -10.02
N GLY C 92 9.74 23.77 -8.99
CA GLY C 92 10.44 22.52 -8.83
C GLY C 92 9.62 21.66 -7.90
N GLU C 93 10.03 20.40 -7.77
CA GLU C 93 9.34 19.43 -6.92
C GLU C 93 10.27 18.31 -6.45
N VAL C 94 9.95 17.76 -5.28
CA VAL C 94 10.69 16.65 -4.69
C VAL C 94 9.67 15.72 -4.06
N THR C 95 9.66 14.47 -4.50
CA THR C 95 8.72 13.48 -3.99
C THR C 95 9.47 12.43 -3.18
N GLY C 96 8.99 12.17 -1.97
CA GLY C 96 9.64 11.20 -1.11
C GLY C 96 10.26 11.88 0.07
N ALA C 97 10.66 11.10 1.07
CA ALA C 97 11.29 11.64 2.28
C ALA C 97 12.79 11.70 2.04
N LYS C 98 13.20 12.62 1.19
CA LYS C 98 14.60 12.77 0.87
C LYS C 98 15.12 14.11 1.40
N TYR C 99 15.81 14.06 2.53
CA TYR C 99 16.36 15.27 3.12
C TYR C 99 17.40 15.88 2.20
N ASP C 100 18.36 15.05 1.77
CA ASP C 100 19.41 15.54 0.90
C ASP C 100 18.85 16.23 -0.33
N LYS C 101 17.80 15.65 -0.91
CA LYS C 101 17.17 16.23 -2.08
C LYS C 101 16.44 17.53 -1.76
N LEU C 102 15.36 17.42 -0.98
CA LEU C 102 14.56 18.57 -0.58
C LEU C 102 15.44 19.76 -0.32
N LEU C 103 16.56 19.52 0.36
CA LEU C 103 17.51 20.56 0.72
C LEU C 103 18.22 21.20 -0.47
N GLU C 104 18.93 20.40 -1.26
CA GLU C 104 19.64 20.91 -2.44
C GLU C 104 18.62 21.63 -3.32
N ALA C 105 17.37 21.18 -3.25
CA ALA C 105 16.30 21.77 -4.00
C ALA C 105 16.01 23.17 -3.47
N ILE C 106 16.00 23.30 -2.15
CA ILE C 106 15.75 24.59 -1.49
C ILE C 106 16.88 25.56 -1.81
N GLN C 107 18.10 25.10 -1.57
CA GLN C 107 19.30 25.88 -1.82
C GLN C 107 19.34 26.45 -3.25
N ALA C 108 18.69 25.76 -4.19
CA ALA C 108 18.65 26.24 -5.56
C ALA C 108 17.75 27.46 -5.64
N ALA C 109 16.68 27.47 -4.84
CA ALA C 109 15.73 28.59 -4.83
C ALA C 109 16.33 29.83 -4.16
N ARG C 110 17.05 29.65 -3.06
CA ARG C 110 17.68 30.78 -2.38
C ARG C 110 18.76 31.27 -3.34
N SER C 111 18.60 30.89 -4.61
CA SER C 111 19.47 31.18 -5.75
C SER C 111 20.95 31.19 -5.44
N ALA D 1 -18.79 -29.88 -11.60
CA ALA D 1 -18.04 -29.92 -10.30
C ALA D 1 -18.49 -28.78 -9.39
N SER D 2 -19.12 -29.12 -8.27
CA SER D 2 -19.61 -28.09 -7.34
C SER D 2 -20.00 -28.64 -5.98
N TYR D 3 -19.39 -28.08 -4.95
CA TYR D 3 -19.66 -28.49 -3.58
C TYR D 3 -20.48 -27.38 -2.93
N THR D 4 -21.00 -27.64 -1.73
CA THR D 4 -21.82 -26.64 -1.05
C THR D 4 -21.16 -26.12 0.23
N VAL D 5 -20.65 -24.89 0.13
CA VAL D 5 -19.96 -24.25 1.24
C VAL D 5 -20.91 -23.54 2.21
N LYS D 6 -20.70 -23.79 3.51
CA LYS D 6 -21.51 -23.16 4.54
C LYS D 6 -20.62 -22.16 5.24
N LEU D 7 -21.00 -20.90 5.20
CA LEU D 7 -20.20 -19.84 5.82
C LEU D 7 -20.82 -19.34 7.13
N ILE D 8 -20.02 -19.31 8.18
CA ILE D 8 -20.49 -18.83 9.48
C ILE D 8 -20.05 -17.39 9.74
N THR D 9 -20.84 -16.47 9.19
CA THR D 9 -20.64 -15.03 9.28
C THR D 9 -20.93 -14.56 10.71
N PRO D 10 -20.26 -13.50 11.18
CA PRO D 10 -20.58 -13.06 12.54
C PRO D 10 -21.98 -12.47 12.60
N ASP D 11 -22.59 -12.28 11.44
CA ASP D 11 -23.92 -11.71 11.40
C ASP D 11 -25.00 -12.76 11.22
N GLY D 12 -24.58 -13.98 10.89
CA GLY D 12 -25.54 -15.06 10.70
C GLY D 12 -24.88 -16.29 10.11
N GLU D 13 -25.65 -17.05 9.32
CA GLU D 13 -25.11 -18.24 8.69
C GLU D 13 -25.58 -18.27 7.26
N SER D 14 -24.66 -18.61 6.35
CA SER D 14 -25.01 -18.67 4.94
C SER D 14 -24.42 -19.89 4.26
N SER D 15 -25.14 -20.38 3.27
CA SER D 15 -24.73 -21.54 2.51
C SER D 15 -24.81 -21.19 1.02
N ILE D 16 -23.66 -21.20 0.37
CA ILE D 16 -23.57 -20.87 -1.05
C ILE D 16 -23.10 -22.07 -1.86
N GLU D 17 -23.41 -22.10 -3.15
CA GLU D 17 -22.99 -23.20 -4.00
C GLU D 17 -21.69 -22.87 -4.72
N CYS D 18 -20.55 -23.13 -4.09
CA CYS D 18 -19.26 -22.84 -4.73
C CYS D 18 -18.77 -23.92 -5.68
N SER D 19 -18.55 -23.56 -6.94
CA SER D 19 -18.06 -24.51 -7.94
C SER D 19 -16.73 -25.11 -7.48
N ASP D 20 -16.21 -26.06 -8.23
CA ASP D 20 -14.94 -26.70 -7.84
C ASP D 20 -13.69 -25.99 -8.32
N ASP D 21 -13.79 -25.23 -9.41
CA ASP D 21 -12.65 -24.49 -9.94
C ASP D 21 -12.80 -23.00 -9.62
N THR D 22 -13.51 -22.70 -8.52
CA THR D 22 -13.75 -21.33 -8.09
C THR D 22 -13.38 -21.14 -6.63
N TYR D 23 -12.83 -19.97 -6.29
CA TYR D 23 -12.44 -19.68 -4.91
C TYR D 23 -13.65 -19.46 -4.02
N ILE D 24 -13.53 -19.83 -2.75
CA ILE D 24 -14.62 -19.66 -1.82
C ILE D 24 -15.03 -18.19 -1.77
N LEU D 25 -14.06 -17.29 -1.70
CA LEU D 25 -14.36 -15.86 -1.65
C LEU D 25 -15.06 -15.33 -2.89
N ASP D 26 -14.57 -15.73 -4.06
CA ASP D 26 -15.16 -15.31 -5.31
C ASP D 26 -16.50 -15.98 -5.47
N ALA D 27 -16.66 -17.15 -4.86
CA ALA D 27 -17.92 -17.87 -4.93
C ALA D 27 -18.90 -17.14 -4.05
N ALA D 28 -18.46 -16.81 -2.84
CA ALA D 28 -19.29 -16.10 -1.87
C ALA D 28 -19.83 -14.79 -2.45
N GLU D 29 -18.99 -14.09 -3.20
CA GLU D 29 -19.36 -12.82 -3.80
C GLU D 29 -20.45 -12.90 -4.84
N GLU D 30 -20.55 -14.02 -5.54
CA GLU D 30 -21.59 -14.15 -6.55
C GLU D 30 -23.00 -14.22 -5.96
N ALA D 31 -23.08 -14.51 -4.66
CA ALA D 31 -24.37 -14.60 -4.00
C ALA D 31 -24.65 -13.35 -3.18
N GLY D 32 -23.78 -12.36 -3.29
CA GLY D 32 -23.98 -11.13 -2.55
C GLY D 32 -23.40 -11.09 -1.14
N LEU D 33 -22.54 -12.04 -0.81
CA LEU D 33 -21.93 -12.05 0.52
C LEU D 33 -20.78 -11.05 0.54
N GLU D 34 -20.75 -10.19 1.54
CA GLU D 34 -19.69 -9.18 1.66
C GLU D 34 -18.56 -9.60 2.60
N LEU D 35 -17.83 -10.65 2.23
CA LEU D 35 -16.73 -11.14 3.06
C LEU D 35 -15.48 -10.29 2.80
N PRO D 36 -14.74 -9.98 3.88
CA PRO D 36 -13.51 -9.19 3.93
C PRO D 36 -12.37 -9.71 3.06
N TYR D 37 -11.39 -8.85 2.81
CA TYR D 37 -10.23 -9.20 1.98
C TYR D 37 -9.38 -7.95 1.77
N SER D 38 -8.15 -8.15 1.30
CA SER D 38 -7.25 -7.05 1.02
C SER D 38 -6.51 -7.24 -0.30
N CYS D 39 -5.61 -8.22 -0.32
CA CYS D 39 -4.76 -8.53 -1.47
C CYS D 39 -5.36 -9.52 -2.48
N ARG D 40 -6.06 -10.52 -1.98
CA ARG D 40 -6.69 -11.54 -2.79
C ARG D 40 -5.65 -12.32 -3.61
N ALA D 41 -4.53 -12.63 -2.95
CA ALA D 41 -3.44 -13.39 -3.58
C ALA D 41 -2.78 -14.27 -2.53
N GLY D 42 -3.55 -14.59 -1.49
CA GLY D 42 -3.06 -15.43 -0.42
C GLY D 42 -1.71 -14.99 0.09
N ALA D 43 -1.61 -13.74 0.52
CA ALA D 43 -0.36 -13.19 1.03
C ALA D 43 -0.58 -12.44 2.32
N CYS D 44 -1.84 -12.17 2.64
CA CYS D 44 -2.14 -11.47 3.88
C CYS D 44 -3.01 -12.38 4.74
N SER D 45 -3.56 -11.84 5.83
CA SER D 45 -4.39 -12.64 6.71
C SER D 45 -5.76 -11.99 6.88
N THR D 46 -6.21 -11.24 5.89
CA THR D 46 -7.51 -10.58 5.99
C THR D 46 -8.68 -11.46 5.60
N CYS D 47 -8.67 -12.02 4.39
CA CYS D 47 -9.74 -12.89 3.93
C CYS D 47 -9.80 -14.13 4.82
N ALA D 48 -8.79 -14.26 5.67
CA ALA D 48 -8.69 -15.38 6.59
C ALA D 48 -10.01 -15.81 7.21
N GLY D 49 -10.25 -17.13 7.15
CA GLY D 49 -11.43 -17.77 7.71
C GLY D 49 -10.98 -19.08 8.35
N LYS D 50 -11.92 -19.85 8.90
CA LYS D 50 -11.58 -21.13 9.54
C LYS D 50 -12.47 -22.32 9.13
N ILE D 51 -11.88 -23.52 9.07
CA ILE D 51 -12.63 -24.72 8.70
C ILE D 51 -13.15 -25.55 9.88
N THR D 52 -14.47 -25.68 9.96
CA THR D 52 -15.13 -26.44 11.01
C THR D 52 -15.27 -27.87 10.52
N ALA D 53 -15.49 -28.01 9.21
CA ALA D 53 -15.65 -29.31 8.60
C ALA D 53 -15.53 -29.25 7.08
N GLY D 54 -14.83 -30.22 6.49
CA GLY D 54 -14.67 -30.27 5.05
C GLY D 54 -13.21 -30.17 4.60
N SER D 55 -13.01 -30.10 3.29
CA SER D 55 -11.66 -30.01 2.71
C SER D 55 -11.54 -28.94 1.61
N VAL D 56 -10.52 -28.09 1.76
CA VAL D 56 -10.23 -27.00 0.82
C VAL D 56 -8.97 -27.30 0.00
N ASP D 57 -8.55 -26.30 -0.76
CA ASP D 57 -7.36 -26.44 -1.58
C ASP D 57 -6.72 -25.06 -1.71
N GLN D 58 -6.37 -24.50 -0.56
CA GLN D 58 -5.73 -23.20 -0.53
C GLN D 58 -4.24 -23.45 -0.78
N SER D 59 -3.95 -24.01 -1.96
CA SER D 59 -2.57 -24.32 -2.34
C SER D 59 -1.80 -23.10 -2.86
N ASP D 60 -2.53 -22.04 -3.23
CA ASP D 60 -1.92 -20.82 -3.74
C ASP D 60 -1.61 -19.86 -2.61
N GLN D 61 -2.01 -20.24 -1.40
CA GLN D 61 -1.77 -19.42 -0.22
C GLN D 61 -0.26 -19.36 0.02
N SER D 62 0.21 -18.39 0.81
CA SER D 62 1.64 -18.30 1.08
C SER D 62 1.97 -17.60 2.39
N PHE D 63 0.97 -16.99 3.02
CA PHE D 63 1.18 -16.27 4.27
C PHE D 63 0.97 -17.07 5.55
N LEU D 64 0.11 -18.08 5.49
CA LEU D 64 -0.14 -18.88 6.68
C LEU D 64 0.91 -19.99 6.82
N ASP D 65 1.63 -20.00 7.93
CA ASP D 65 2.65 -21.02 8.16
C ASP D 65 2.03 -22.41 8.25
N ASP D 66 2.85 -23.40 8.57
CA ASP D 66 2.38 -24.77 8.68
C ASP D 66 1.52 -24.97 9.92
N ASP D 67 1.87 -24.30 11.01
CA ASP D 67 1.11 -24.41 12.26
C ASP D 67 -0.28 -23.76 12.16
N GLN D 68 -0.41 -22.74 11.33
CA GLN D 68 -1.69 -22.07 11.18
C GLN D 68 -2.65 -22.88 10.34
N ILE D 69 -2.13 -23.59 9.35
CA ILE D 69 -2.99 -24.41 8.49
C ILE D 69 -3.42 -25.66 9.23
N GLU D 70 -2.48 -26.26 9.96
CA GLU D 70 -2.75 -27.46 10.75
C GLU D 70 -3.80 -27.10 11.79
N ALA D 71 -3.76 -25.86 12.27
CA ALA D 71 -4.69 -25.36 13.27
C ALA D 71 -6.07 -25.23 12.66
N GLY D 72 -6.18 -25.46 11.35
CA GLY D 72 -7.47 -25.38 10.68
C GLY D 72 -7.88 -24.12 9.94
N TYR D 73 -6.99 -23.13 9.85
CA TYR D 73 -7.34 -21.90 9.15
C TYR D 73 -7.33 -22.04 7.64
N VAL D 74 -7.48 -20.91 6.95
CA VAL D 74 -7.53 -20.91 5.50
C VAL D 74 -7.69 -19.50 4.97
N LEU D 75 -7.29 -19.28 3.73
CA LEU D 75 -7.43 -17.97 3.12
C LEU D 75 -8.43 -18.11 1.98
N THR D 76 -9.66 -17.69 2.25
CA THR D 76 -10.76 -17.77 1.30
C THR D 76 -10.58 -17.14 -0.07
N CYS D 77 -9.61 -16.23 -0.21
CA CYS D 77 -9.39 -15.58 -1.51
C CYS D 77 -8.60 -16.48 -2.43
N VAL D 78 -8.03 -17.53 -1.85
CA VAL D 78 -7.22 -18.48 -2.60
C VAL D 78 -7.67 -19.91 -2.36
N ALA D 79 -8.56 -20.10 -1.39
CA ALA D 79 -9.06 -21.43 -1.05
C ALA D 79 -10.03 -22.00 -2.09
N TYR D 80 -9.79 -23.25 -2.48
CA TYR D 80 -10.64 -23.93 -3.45
C TYR D 80 -11.42 -25.00 -2.69
N PRO D 81 -12.67 -25.28 -3.11
CA PRO D 81 -13.43 -26.30 -2.40
C PRO D 81 -13.10 -27.69 -2.95
N THR D 82 -12.91 -28.65 -2.05
CA THR D 82 -12.60 -30.02 -2.49
C THR D 82 -13.76 -30.95 -2.12
N SER D 83 -14.59 -30.49 -1.17
CA SER D 83 -15.74 -31.24 -0.69
C SER D 83 -16.78 -30.25 -0.18
N ASP D 84 -17.87 -30.76 0.39
CA ASP D 84 -18.88 -29.88 0.98
C ASP D 84 -18.13 -29.39 2.22
N CYS D 85 -18.42 -28.19 2.71
CA CYS D 85 -17.66 -27.71 3.85
C CYS D 85 -18.24 -26.52 4.57
N THR D 86 -17.70 -26.26 5.75
CA THR D 86 -18.15 -25.14 6.56
C THR D 86 -16.96 -24.31 7.01
N ILE D 87 -16.92 -23.07 6.55
CA ILE D 87 -15.84 -22.16 6.89
C ILE D 87 -16.39 -20.97 7.66
N GLU D 88 -15.70 -20.61 8.73
CA GLU D 88 -16.10 -19.47 9.53
C GLU D 88 -15.34 -18.28 8.95
N THR D 89 -16.06 -17.23 8.60
CA THR D 89 -15.45 -16.05 8.02
C THR D 89 -15.04 -15.06 9.10
N HIS D 90 -14.23 -14.08 8.72
CA HIS D 90 -13.77 -13.04 9.64
C HIS D 90 -12.90 -13.58 10.76
N LYS D 91 -12.37 -14.77 10.56
CA LYS D 91 -11.54 -15.40 11.57
C LYS D 91 -10.08 -15.03 11.59
N GLU D 92 -9.78 -13.73 11.70
CA GLU D 92 -8.41 -13.26 11.77
C GLU D 92 -8.16 -12.74 13.18
N GLU D 93 -9.12 -11.96 13.67
CA GLU D 93 -9.07 -11.35 15.00
C GLU D 93 -8.52 -12.26 16.10
N ASP D 94 -8.45 -13.56 15.84
CA ASP D 94 -7.95 -14.51 16.82
C ASP D 94 -7.16 -15.62 16.14
N LEU D 95 -6.35 -15.22 15.16
CA LEU D 95 -5.52 -16.14 14.40
C LEU D 95 -4.06 -16.08 14.88
N TYR D 96 -3.70 -14.99 15.55
CA TYR D 96 -2.33 -14.82 16.01
C TYR D 96 -2.06 -15.27 17.45
S SO4 E . -2.85 -9.83 -8.39
O1 SO4 E . -3.18 -9.94 -9.83
O2 SO4 E . -3.55 -10.89 -7.63
O3 SO4 E . -1.39 -9.97 -8.18
O4 SO4 E . -3.31 -8.52 -7.91
S SO4 F . -14.21 -5.03 2.30
O1 SO4 F . -13.14 -4.07 2.01
O2 SO4 F . -15.48 -4.31 2.57
O3 SO4 F . -14.41 -5.92 1.14
O4 SO4 F . -13.83 -5.84 3.47
FE1 SF4 G . 2.83 -1.57 0.07
FE2 SF4 G . 4.24 -0.80 2.21
FE3 SF4 G . 1.99 -2.33 2.58
FE4 SF4 G . 1.84 0.32 1.77
S1 SF4 G . 2.58 -0.48 3.82
S2 SF4 G . 0.72 -1.47 0.88
S3 SF4 G . 3.57 0.53 0.51
S4 SF4 G . 3.84 -2.96 1.64
FE1 FES H . -4.53 -11.55 1.15
FE2 FES H . -6.89 -12.88 1.30
S1 FES H . -6.58 -10.75 0.75
S2 FES H . -4.86 -13.69 1.72
#